data_4KQG
#
_entry.id   4KQG
#
_cell.length_a   71.907
_cell.length_b   89.033
_cell.length_c   46.495
_cell.angle_alpha   90.000
_cell.angle_beta   90.000
_cell.angle_gamma   90.000
#
_symmetry.space_group_name_H-M   'P 21 21 2'
#
loop_
_entity.id
_entity.type
_entity.pdbx_description
1 polymer 'Nicotinate-nucleotide--dimethylbenzimidazole phosphoribosyltransferase'
2 non-polymer 'PHOSPHATE ION'
3 non-polymer 5,6-DIMETHYLBENZIMIDAZOLE
4 non-polymer 1,2-ETHANEDIOL
5 water water
#
_entity_poly.entity_id   1
_entity_poly.type   'polypeptide(L)'
_entity_poly.pdbx_seq_one_letter_code
;MQTLHALLRDIPAPDAEAMARAQQHIDGLLKPPGSLGRLETLAVQLAGMPGLNGTPQVGEKAVLVMCADHGVWDEGVAVS
PKIVTAIQAANMTRGTTGVCVLAAQAGAKVHVIDVGIDAEPIPGVVNMRVARGCGNIAVGPAMSRLQAEALLLEVSRYTC
DLAQRGVTLFGVGALGMANTTPAAAMVSVFTGSDAKEVVGIGANLPPSRIDNKVDVVRRAIAINQPNPRDGIDVLSKVGG
FDLVGMTGVMLGAARCGLPVLLDGFLSYSAALAACQIAPAVRPYLIPSHFSAEKGARIALAHLSMEPYLHMAMRLGEGSG
AALAMPIVEAACAMFHNMGELAASNIVLPEGNANAT
;
_entity_poly.pdbx_strand_id   A
#
loop_
_chem_comp.id
_chem_comp.type
_chem_comp.name
_chem_comp.formula
DMD non-polymer 5,6-DIMETHYLBENZIMIDAZOLE 'C9 H10 N2'
EDO non-polymer 1,2-ETHANEDIOL 'C2 H6 O2'
PO4 non-polymer 'PHOSPHATE ION' 'O4 P -3'
#
# COMPACT_ATOMS: atom_id res chain seq x y z
N THR A 3 13.60 16.24 7.57
CA THR A 3 14.53 15.10 7.71
C THR A 3 13.68 13.89 8.04
N LEU A 4 14.22 12.72 7.74
CA LEU A 4 13.39 11.52 7.88
C LEU A 4 13.13 11.26 9.36
N HIS A 5 14.13 11.50 10.19
CA HIS A 5 13.97 11.35 11.60
C HIS A 5 12.81 12.22 12.13
N ALA A 6 12.74 13.47 11.71
CA ALA A 6 11.61 14.34 12.10
C ALA A 6 10.28 13.80 11.65
N LEU A 7 10.18 13.47 10.38
CA LEU A 7 8.96 12.87 9.86
C LEU A 7 8.49 11.67 10.71
N LEU A 8 9.39 10.72 11.02
CA LEU A 8 9.01 9.51 11.74
C LEU A 8 8.54 9.85 13.14
N ARG A 9 9.29 10.71 13.84
CA ARG A 9 9.04 11.13 15.23
C ARG A 9 7.68 11.81 15.31
N ASP A 10 7.29 12.56 14.30
CA ASP A 10 6.09 13.39 14.42
C ASP A 10 4.78 12.77 13.84
N ILE A 11 4.79 11.50 13.50
CA ILE A 11 3.53 10.84 13.15
C ILE A 11 2.63 10.85 14.38
N PRO A 12 1.36 11.36 14.26
CA PRO A 12 0.55 11.48 15.45
C PRO A 12 -0.01 10.15 15.85
N ALA A 13 -0.25 10.02 17.15
CA ALA A 13 -0.96 8.90 17.69
C ALA A 13 -2.49 9.06 17.30
N PRO A 14 -3.26 7.93 17.17
CA PRO A 14 -4.73 8.06 16.97
C PRO A 14 -5.37 8.71 18.19
N ASP A 15 -6.47 9.39 17.95
CA ASP A 15 -7.20 10.19 18.96
C ASP A 15 -8.21 9.31 19.71
N ALA A 16 -7.85 8.88 20.93
CA ALA A 16 -8.76 8.04 21.67
C ALA A 16 -10.12 8.71 22.01
N GLU A 17 -10.05 10.01 22.29
CA GLU A 17 -11.29 10.69 22.64
C GLU A 17 -12.30 10.69 21.46
N ALA A 18 -11.84 11.00 20.25
CA ALA A 18 -12.66 11.03 19.05
C ALA A 18 -13.20 9.62 18.82
N MET A 19 -12.39 8.57 19.08
CA MET A 19 -12.85 7.20 18.83
C MET A 19 -13.97 6.82 19.86
N ALA A 20 -13.84 7.26 21.12
CA ALA A 20 -14.89 6.98 22.12
C ALA A 20 -16.21 7.68 21.68
N ARG A 21 -16.12 8.94 21.28
CA ARG A 21 -17.28 9.64 20.84
C ARG A 21 -17.95 8.88 19.63
N ALA A 22 -17.10 8.46 18.70
CA ALA A 22 -17.56 7.73 17.53
C ALA A 22 -18.25 6.44 17.93
N GLN A 23 -17.65 5.68 18.84
CA GLN A 23 -18.27 4.41 19.27
C GLN A 23 -19.67 4.62 19.85
N GLN A 24 -19.75 5.64 20.70
CA GLN A 24 -20.99 5.94 21.37
C GLN A 24 -22.07 6.37 20.31
N HIS A 25 -21.67 7.16 19.32
CA HIS A 25 -22.63 7.57 18.33
C HIS A 25 -23.13 6.35 17.51
N ILE A 26 -22.23 5.45 17.16
CA ILE A 26 -22.57 4.26 16.41
C ILE A 26 -23.51 3.33 17.16
N ASP A 27 -23.22 3.11 18.43
CA ASP A 27 -24.09 2.24 19.21
C ASP A 27 -25.55 2.77 19.31
N GLY A 28 -25.70 4.08 19.24
CA GLY A 28 -26.98 4.77 19.31
C GLY A 28 -27.81 4.81 18.02
N LEU A 29 -27.26 4.33 16.89
CA LEU A 29 -27.92 4.44 15.62
C LEU A 29 -29.04 3.37 15.48
N LEU A 30 -29.84 3.47 14.41
CA LEU A 30 -31.06 2.62 14.26
C LEU A 30 -30.75 1.21 13.80
N LYS A 31 -30.14 0.41 14.64
CA LYS A 31 -29.84 -0.98 14.29
C LYS A 31 -29.48 -1.63 15.64
N PRO A 32 -29.54 -2.99 15.70
CA PRO A 32 -28.98 -3.66 16.88
C PRO A 32 -27.52 -3.24 17.04
N PRO A 33 -27.05 -3.00 18.30
CA PRO A 33 -25.63 -2.69 18.50
C PRO A 33 -24.74 -3.78 17.93
N GLY A 34 -23.71 -3.38 17.18
CA GLY A 34 -22.75 -4.34 16.61
C GLY A 34 -23.12 -4.84 15.22
N SER A 35 -24.34 -4.54 14.75
CA SER A 35 -24.87 -5.32 13.62
C SER A 35 -24.27 -4.94 12.31
N LEU A 36 -23.64 -3.76 12.20
CA LEU A 36 -22.92 -3.42 10.96
C LEU A 36 -21.45 -3.80 10.99
N GLY A 37 -21.09 -4.59 12.02
CA GLY A 37 -19.82 -5.26 12.08
C GLY A 37 -18.62 -4.38 11.79
N ARG A 38 -17.80 -4.82 10.83
CA ARG A 38 -16.56 -4.13 10.46
C ARG A 38 -16.76 -2.78 9.77
N LEU A 39 -17.98 -2.50 9.31
CA LEU A 39 -18.30 -1.11 8.92
C LEU A 39 -18.21 -0.20 10.16
N GLU A 40 -18.65 -0.71 11.32
CA GLU A 40 -18.57 0.07 12.53
C GLU A 40 -17.12 0.24 13.00
N THR A 41 -16.35 -0.85 13.04
CA THR A 41 -14.96 -0.72 13.46
C THR A 41 -14.17 0.17 12.48
N LEU A 42 -14.47 0.10 11.19
CA LEU A 42 -13.80 1.01 10.25
C LEU A 42 -14.12 2.51 10.57
N ALA A 43 -15.42 2.80 10.85
CA ALA A 43 -15.80 4.19 11.11
C ALA A 43 -15.06 4.72 12.34
N VAL A 44 -14.86 3.86 13.33
CA VAL A 44 -14.16 4.27 14.58
C VAL A 44 -12.67 4.47 14.29
N GLN A 45 -12.10 3.55 13.52
CA GLN A 45 -10.67 3.68 13.14
C GLN A 45 -10.43 5.02 12.43
N LEU A 46 -11.29 5.35 11.46
CA LEU A 46 -11.25 6.63 10.70
C LEU A 46 -11.37 7.85 11.67
N ALA A 47 -12.30 7.77 12.64
CA ALA A 47 -12.54 8.84 13.58
C ALA A 47 -11.28 9.17 14.34
N GLY A 48 -10.45 8.16 14.64
CA GLY A 48 -9.21 8.35 15.39
C GLY A 48 -8.07 8.99 14.57
N MET A 49 -8.19 9.09 13.25
CA MET A 49 -7.08 9.63 12.41
C MET A 49 -7.11 11.18 12.43
N PRO A 50 -6.09 11.80 13.08
CA PRO A 50 -6.26 13.25 13.31
C PRO A 50 -6.45 14.12 12.06
N GLY A 51 -6.03 13.68 10.89
CA GLY A 51 -6.25 14.50 9.68
C GLY A 51 -7.72 14.48 9.28
N LEU A 52 -8.51 13.62 9.86
CA LEU A 52 -9.97 13.64 9.55
C LEU A 52 -10.76 14.49 10.51
N ASN A 53 -10.10 15.20 11.40
CA ASN A 53 -10.89 16.18 12.14
C ASN A 53 -12.06 15.51 13.01
N GLY A 54 -11.72 14.38 13.65
CA GLY A 54 -12.55 13.85 14.76
C GLY A 54 -13.85 13.16 14.39
N THR A 55 -13.95 12.76 13.11
CA THR A 55 -15.13 12.11 12.59
C THR A 55 -14.83 11.24 11.34
N PRO A 56 -15.52 10.10 11.10
CA PRO A 56 -15.19 9.44 9.82
C PRO A 56 -15.69 10.32 8.67
N GLN A 57 -14.80 10.67 7.75
CA GLN A 57 -15.24 11.43 6.55
C GLN A 57 -14.33 11.16 5.38
N VAL A 58 -14.80 11.40 4.15
CA VAL A 58 -13.97 11.31 2.94
C VAL A 58 -14.20 12.57 2.11
N GLY A 59 -13.13 13.27 1.77
CA GLY A 59 -13.19 14.32 0.78
C GLY A 59 -12.69 13.84 -0.54
N GLU A 60 -11.55 14.36 -0.96
CA GLU A 60 -11.02 13.94 -2.26
C GLU A 60 -10.19 12.66 -2.03
N LYS A 61 -10.03 11.86 -3.09
CA LYS A 61 -9.30 10.58 -3.00
C LYS A 61 -8.24 10.55 -4.07
N ALA A 62 -7.09 9.98 -3.72
CA ALA A 62 -5.97 9.95 -4.62
C ALA A 62 -5.37 8.55 -4.53
N VAL A 63 -5.21 7.87 -5.66
CA VAL A 63 -4.40 6.62 -5.71
C VAL A 63 -3.01 6.91 -6.30
N LEU A 64 -1.98 6.61 -5.52
CA LEU A 64 -0.59 6.91 -5.93
C LEU A 64 0.02 5.65 -6.48
N VAL A 65 0.40 5.69 -7.77
CA VAL A 65 0.87 4.50 -8.49
C VAL A 65 2.38 4.62 -8.74
N MET A 66 3.14 3.79 -8.07
CA MET A 66 4.61 3.95 -8.06
C MET A 66 5.23 3.00 -9.09
N CYS A 67 5.98 3.56 -10.04
CA CYS A 67 6.42 2.79 -11.20
C CYS A 67 7.93 2.71 -11.31
N ALA A 68 8.46 1.50 -11.53
CA ALA A 68 9.91 1.36 -11.66
C ALA A 68 10.25 0.02 -12.20
N ASP A 69 11.44 -0.10 -12.79
CA ASP A 69 11.92 -1.40 -13.27
C ASP A 69 12.99 -2.02 -12.37
N HIS A 70 13.26 -3.32 -12.56
CA HIS A 70 14.04 -4.06 -11.55
C HIS A 70 15.13 -4.86 -12.27
N GLY A 71 16.39 -4.74 -11.81
CA GLY A 71 17.48 -5.53 -12.44
C GLY A 71 17.25 -7.04 -12.36
N VAL A 72 16.53 -7.48 -11.34
CA VAL A 72 16.31 -8.91 -11.14
C VAL A 72 15.44 -9.54 -12.27
N TRP A 73 14.76 -8.70 -13.07
CA TRP A 73 14.11 -9.21 -14.31
C TRP A 73 15.07 -10.13 -15.10
N ASP A 74 16.34 -9.77 -15.10
CA ASP A 74 17.38 -10.51 -15.83
C ASP A 74 17.61 -11.92 -15.30
N GLU A 75 17.04 -12.24 -14.14
CA GLU A 75 17.20 -13.60 -13.58
C GLU A 75 16.10 -14.59 -14.05
N GLY A 76 15.22 -14.16 -14.95
CA GLY A 76 14.23 -15.08 -15.51
C GLY A 76 13.00 -15.30 -14.62
N VAL A 77 12.76 -14.36 -13.68
CA VAL A 77 11.65 -14.46 -12.70
C VAL A 77 10.32 -13.81 -13.21
N ALA A 78 10.32 -13.26 -14.44
CA ALA A 78 9.09 -12.60 -14.94
C ALA A 78 8.84 -12.88 -16.42
N VAL A 79 7.68 -13.39 -16.81
CA VAL A 79 7.40 -13.59 -18.25
C VAL A 79 6.91 -12.36 -18.96
N SER A 80 6.53 -11.32 -18.22
CA SER A 80 6.13 -10.03 -18.87
C SER A 80 7.40 -9.32 -19.43
N PRO A 81 7.41 -8.95 -20.72
CA PRO A 81 8.54 -8.19 -21.26
C PRO A 81 8.81 -6.95 -20.40
N LYS A 82 10.07 -6.65 -20.14
CA LYS A 82 10.41 -5.55 -19.25
C LYS A 82 9.80 -4.21 -19.69
N ILE A 83 9.70 -3.98 -21.00
CA ILE A 83 9.18 -2.72 -21.53
C ILE A 83 7.73 -2.44 -21.14
N VAL A 84 6.99 -3.51 -20.72
CA VAL A 84 5.60 -3.31 -20.26
C VAL A 84 5.53 -2.24 -19.16
N THR A 85 6.54 -2.17 -18.30
CA THR A 85 6.44 -1.14 -17.24
C THR A 85 6.25 0.25 -17.91
N ALA A 86 7.14 0.58 -18.85
CA ALA A 86 7.08 1.89 -19.55
C ALA A 86 5.81 2.00 -20.34
N ILE A 87 5.44 0.93 -21.06
CA ILE A 87 4.22 1.06 -21.87
C ILE A 87 2.98 1.35 -21.01
N GLN A 88 2.83 0.58 -19.91
CA GLN A 88 1.67 0.68 -19.09
C GLN A 88 1.71 2.00 -18.35
N ALA A 89 2.90 2.49 -17.99
CA ALA A 89 2.98 3.78 -17.31
C ALA A 89 2.45 4.87 -18.23
N ALA A 90 2.79 4.82 -19.52
CA ALA A 90 2.22 5.76 -20.47
C ALA A 90 0.68 5.52 -20.61
N ASN A 91 0.23 4.27 -20.63
CA ASN A 91 -1.23 4.04 -20.63
C ASN A 91 -1.92 4.69 -19.46
N MET A 92 -1.23 4.83 -18.33
CA MET A 92 -1.90 5.48 -17.18
C MET A 92 -2.26 6.96 -17.50
N THR A 93 -1.52 7.57 -18.44
CA THR A 93 -1.83 8.96 -18.83
C THR A 93 -3.11 9.06 -19.67
N ARG A 94 -3.57 7.93 -20.24
CA ARG A 94 -4.68 7.89 -21.17
C ARG A 94 -5.92 7.24 -20.56
N GLY A 95 -5.82 6.80 -19.31
CA GLY A 95 -6.98 6.32 -18.53
C GLY A 95 -7.44 4.92 -18.88
N THR A 96 -6.56 4.14 -19.51
CA THR A 96 -6.96 2.84 -20.05
C THR A 96 -6.56 1.60 -19.20
N THR A 97 -5.90 1.84 -18.07
CA THR A 97 -5.42 0.79 -17.19
C THR A 97 -6.46 0.45 -16.14
N GLY A 98 -6.25 -0.67 -15.46
CA GLY A 98 -7.23 -1.12 -14.45
C GLY A 98 -7.39 -0.11 -13.31
N VAL A 99 -6.25 0.42 -12.81
CA VAL A 99 -6.37 1.35 -11.67
C VAL A 99 -7.04 2.62 -12.18
N CYS A 100 -6.69 3.09 -13.39
CA CYS A 100 -7.36 4.35 -13.86
C CYS A 100 -8.87 4.20 -13.89
N VAL A 101 -9.30 3.09 -14.49
CA VAL A 101 -10.74 2.76 -14.66
C VAL A 101 -11.46 2.57 -13.31
N LEU A 102 -10.85 1.83 -12.40
CA LEU A 102 -11.47 1.63 -11.09
C LEU A 102 -11.39 2.91 -10.19
N ALA A 103 -10.27 3.65 -10.27
CA ALA A 103 -10.21 4.94 -9.63
C ALA A 103 -11.29 5.89 -10.14
N ALA A 104 -11.50 5.95 -11.46
CA ALA A 104 -12.63 6.77 -11.97
C ALA A 104 -14.00 6.37 -11.40
N GLN A 105 -14.28 5.06 -11.36
CA GLN A 105 -15.57 4.55 -10.79
C GLN A 105 -15.75 5.03 -9.38
N ALA A 106 -14.65 5.01 -8.63
CA ALA A 106 -14.68 5.42 -7.23
C ALA A 106 -14.56 6.92 -7.02
N GLY A 107 -14.45 7.71 -8.09
CA GLY A 107 -14.34 9.18 -7.93
C GLY A 107 -12.96 9.64 -7.35
N ALA A 108 -11.89 8.86 -7.62
CA ALA A 108 -10.56 9.14 -7.12
C ALA A 108 -9.70 9.61 -8.28
N LYS A 109 -8.66 10.41 -8.01
CA LYS A 109 -7.69 10.82 -9.04
C LYS A 109 -6.45 9.93 -8.92
N VAL A 110 -5.76 9.70 -10.03
CA VAL A 110 -4.62 8.75 -10.03
C VAL A 110 -3.40 9.61 -10.22
N HIS A 111 -2.39 9.42 -9.37
CA HIS A 111 -1.14 10.10 -9.52
C HIS A 111 -0.07 9.08 -9.94
N VAL A 112 0.44 9.22 -11.15
CA VAL A 112 1.38 8.24 -11.69
C VAL A 112 2.79 8.78 -11.39
N ILE A 113 3.57 8.03 -10.62
CA ILE A 113 4.88 8.54 -10.21
C ILE A 113 6.00 7.58 -10.63
N ASP A 114 6.86 8.11 -11.50
CA ASP A 114 7.93 7.29 -12.05
C ASP A 114 9.06 7.44 -11.05
N VAL A 115 9.36 6.35 -10.31
CA VAL A 115 10.46 6.33 -9.36
C VAL A 115 11.69 5.54 -9.86
N GLY A 116 11.67 5.11 -11.13
CA GLY A 116 12.88 4.49 -11.71
C GLY A 116 12.55 3.52 -12.85
N ILE A 117 11.75 3.95 -13.82
CA ILE A 117 11.51 3.13 -15.02
C ILE A 117 12.77 3.15 -15.93
N ASP A 118 13.07 2.03 -16.56
CA ASP A 118 14.23 1.83 -17.44
C ASP A 118 13.85 2.16 -18.90
N ALA A 119 13.60 3.42 -19.13
CA ALA A 119 13.16 3.94 -20.41
C ALA A 119 13.27 5.46 -20.26
N GLU A 120 13.10 6.16 -21.39
CA GLU A 120 12.99 7.60 -21.34
C GLU A 120 11.82 8.06 -20.49
N PRO A 121 11.93 9.25 -19.89
CA PRO A 121 10.85 9.75 -19.06
C PRO A 121 9.57 9.84 -19.91
N ILE A 122 8.42 9.67 -19.27
CA ILE A 122 7.11 9.77 -19.95
C ILE A 122 6.44 11.11 -19.70
N PRO A 123 6.18 11.89 -20.77
CA PRO A 123 5.65 13.19 -20.48
C PRO A 123 4.34 13.05 -19.76
N GLY A 124 4.12 13.90 -18.77
CA GLY A 124 2.89 13.89 -18.03
C GLY A 124 2.89 12.95 -16.82
N VAL A 125 3.97 12.25 -16.56
CA VAL A 125 4.07 11.36 -15.37
C VAL A 125 4.97 12.13 -14.38
N VAL A 126 4.71 12.07 -13.07
CA VAL A 126 5.54 12.75 -12.06
C VAL A 126 6.93 12.11 -12.03
N ASN A 127 7.97 12.92 -12.13
CA ASN A 127 9.31 12.37 -12.22
C ASN A 127 10.00 12.42 -10.85
N MET A 128 10.21 11.25 -10.27
CA MET A 128 11.08 11.12 -9.09
C MET A 128 12.07 9.97 -9.35
N ARG A 129 12.61 9.90 -10.56
CA ARG A 129 13.34 8.68 -10.98
C ARG A 129 14.61 8.53 -10.21
N VAL A 130 14.85 7.38 -9.58
CA VAL A 130 16.13 7.25 -8.91
C VAL A 130 17.24 6.82 -9.88
N ALA A 131 16.95 5.85 -10.71
CA ALA A 131 17.87 5.42 -11.74
C ALA A 131 17.02 4.71 -12.81
N ARG A 132 17.61 4.34 -13.95
CA ARG A 132 16.84 3.57 -14.94
C ARG A 132 16.82 2.10 -14.50
N GLY A 133 15.89 1.79 -13.63
CA GLY A 133 15.78 0.44 -13.06
C GLY A 133 16.66 0.38 -11.82
N CYS A 134 16.27 -0.40 -10.79
CA CYS A 134 17.17 -0.60 -9.62
C CYS A 134 18.17 -1.75 -9.86
N GLY A 135 19.18 -1.83 -8.98
CA GLY A 135 20.15 -2.97 -9.12
C GLY A 135 19.46 -4.34 -9.04
N ASN A 136 20.13 -5.35 -9.61
CA ASN A 136 19.66 -6.73 -9.57
C ASN A 136 19.92 -7.27 -8.19
N ILE A 137 18.84 -7.47 -7.43
CA ILE A 137 18.95 -7.87 -6.00
C ILE A 137 19.60 -9.28 -5.84
N ALA A 138 19.65 -10.08 -6.90
CA ALA A 138 20.32 -11.44 -6.86
C ALA A 138 21.84 -11.35 -6.68
N VAL A 139 22.42 -10.20 -7.09
CA VAL A 139 23.91 -10.08 -7.03
C VAL A 139 24.39 -8.97 -6.13
N GLY A 140 23.49 -8.20 -5.52
CA GLY A 140 23.93 -6.98 -4.85
C GLY A 140 22.65 -6.23 -4.46
N PRO A 141 22.77 -4.98 -4.00
CA PRO A 141 21.57 -4.27 -3.52
C PRO A 141 20.75 -3.64 -4.65
N ALA A 142 19.48 -3.34 -4.34
CA ALA A 142 18.64 -2.64 -5.32
C ALA A 142 19.18 -1.21 -5.42
N MET A 143 19.63 -0.62 -4.28
CA MET A 143 20.07 0.78 -4.30
C MET A 143 20.87 1.12 -3.03
N SER A 144 21.39 2.35 -2.92
CA SER A 144 22.07 2.76 -1.67
C SER A 144 21.05 3.18 -0.60
N ARG A 145 21.47 3.12 0.67
CA ARG A 145 20.60 3.58 1.74
C ARG A 145 20.18 5.03 1.48
N LEU A 146 21.13 5.87 1.01
CA LEU A 146 20.87 7.30 0.82
C LEU A 146 19.76 7.47 -0.23
N GLN A 147 19.82 6.65 -1.27
CA GLN A 147 18.80 6.70 -2.30
C GLN A 147 17.41 6.32 -1.72
N ALA A 148 17.37 5.28 -0.91
CA ALA A 148 16.08 4.83 -0.35
C ALA A 148 15.51 5.93 0.55
N GLU A 149 16.38 6.60 1.31
CA GLU A 149 15.95 7.60 2.26
C GLU A 149 15.43 8.83 1.57
N ALA A 150 16.18 9.31 0.59
CA ALA A 150 15.79 10.43 -0.23
C ALA A 150 14.42 10.18 -0.91
N LEU A 151 14.24 8.99 -1.48
CA LEU A 151 12.94 8.67 -2.08
C LEU A 151 11.77 8.64 -1.06
N LEU A 152 11.98 8.00 0.08
CA LEU A 152 10.95 8.00 1.16
C LEU A 152 10.52 9.42 1.51
N LEU A 153 11.52 10.32 1.64
CA LEU A 153 11.22 11.68 2.05
C LEU A 153 10.45 12.40 1.03
N GLU A 154 10.90 12.30 -0.20
CA GLU A 154 10.26 13.03 -1.26
C GLU A 154 8.85 12.50 -1.51
N VAL A 155 8.65 11.17 -1.49
CA VAL A 155 7.27 10.67 -1.75
C VAL A 155 6.36 11.01 -0.53
N SER A 156 6.91 10.91 0.68
CA SER A 156 6.05 11.21 1.82
C SER A 156 5.64 12.71 1.81
N ARG A 157 6.55 13.59 1.38
CA ARG A 157 6.19 15.00 1.23
C ARG A 157 5.14 15.26 0.14
N TYR A 158 5.28 14.62 -1.00
CA TYR A 158 4.36 14.79 -2.07
C TYR A 158 2.96 14.29 -1.59
N THR A 159 2.98 13.18 -0.84
CA THR A 159 1.75 12.57 -0.33
C THR A 159 1.02 13.50 0.66
N CYS A 160 1.76 14.00 1.64
CA CYS A 160 1.13 14.81 2.66
C CYS A 160 0.73 16.18 2.03
N ASP A 161 1.43 16.61 0.97
CA ASP A 161 1.08 17.88 0.34
C ASP A 161 -0.28 17.81 -0.36
N LEU A 162 -0.68 16.62 -0.83
CA LEU A 162 -2.00 16.42 -1.39
C LEU A 162 -3.13 16.78 -0.41
N ALA A 163 -2.92 16.59 0.91
CA ALA A 163 -3.93 17.11 1.89
C ALA A 163 -4.30 18.58 1.64
N GLN A 164 -3.34 19.43 1.23
CA GLN A 164 -3.62 20.84 0.99
C GLN A 164 -4.58 21.06 -0.19
N ARG A 165 -4.73 20.08 -1.05
CA ARG A 165 -5.69 20.18 -2.12
C ARG A 165 -6.94 19.36 -1.80
N GLY A 166 -7.26 19.20 -0.53
CA GLY A 166 -8.48 18.48 -0.18
C GLY A 166 -8.46 16.93 -0.12
N VAL A 167 -7.32 16.26 -0.34
CA VAL A 167 -7.31 14.79 -0.29
C VAL A 167 -7.39 14.31 1.15
N THR A 168 -8.24 13.31 1.43
CA THR A 168 -8.35 12.79 2.80
C THR A 168 -8.16 11.29 2.83
N LEU A 169 -8.05 10.68 1.65
CA LEU A 169 -8.06 9.18 1.54
C LEU A 169 -7.13 8.80 0.40
N PHE A 170 -6.08 8.08 0.75
CA PHE A 170 -5.13 7.63 -0.24
C PHE A 170 -5.32 6.13 -0.51
N GLY A 171 -4.83 5.73 -1.70
CA GLY A 171 -4.64 4.36 -2.09
C GLY A 171 -3.22 4.24 -2.63
N VAL A 172 -2.62 3.05 -2.54
CA VAL A 172 -1.23 2.90 -3.02
C VAL A 172 -1.17 1.72 -3.98
N GLY A 173 -0.29 1.79 -4.96
CA GLY A 173 -0.05 0.60 -5.81
C GLY A 173 1.32 0.70 -6.48
N ALA A 174 1.76 -0.38 -7.13
CA ALA A 174 3.05 -0.37 -7.84
C ALA A 174 2.94 -1.05 -9.23
N LEU A 175 3.76 -0.59 -10.17
CA LEU A 175 3.82 -1.06 -11.52
C LEU A 175 5.30 -1.24 -11.84
N GLY A 176 5.71 -2.49 -12.09
CA GLY A 176 7.12 -2.73 -12.42
C GLY A 176 7.33 -4.21 -12.67
N MET A 177 7.67 -4.53 -13.91
CA MET A 177 7.85 -5.99 -14.18
C MET A 177 8.94 -6.58 -13.30
N ALA A 178 8.66 -7.79 -12.82
CA ALA A 178 9.48 -8.55 -11.86
C ALA A 178 9.29 -8.17 -10.41
N ASN A 179 8.42 -7.17 -10.11
CA ASN A 179 8.41 -6.65 -8.71
C ASN A 179 7.86 -7.62 -7.63
N THR A 180 7.19 -8.70 -8.01
CA THR A 180 6.72 -9.68 -6.97
C THR A 180 7.95 -10.47 -6.45
N THR A 181 9.12 -10.35 -7.11
CA THR A 181 10.37 -10.92 -6.58
C THR A 181 10.97 -10.17 -5.35
N PRO A 182 11.35 -8.89 -5.49
CA PRO A 182 11.73 -8.16 -4.25
C PRO A 182 10.59 -8.17 -3.20
N ALA A 183 9.32 -8.11 -3.60
CA ALA A 183 8.24 -8.12 -2.58
C ALA A 183 8.32 -9.40 -1.77
N ALA A 184 8.49 -10.54 -2.49
CA ALA A 184 8.61 -11.84 -1.80
C ALA A 184 9.89 -11.86 -0.90
N ALA A 185 11.00 -11.32 -1.40
CA ALA A 185 12.21 -11.23 -0.58
C ALA A 185 11.94 -10.44 0.73
N MET A 186 11.32 -9.24 0.60
CA MET A 186 10.99 -8.45 1.78
C MET A 186 10.04 -9.17 2.72
N VAL A 187 9.00 -9.80 2.18
CA VAL A 187 8.08 -10.53 3.06
C VAL A 187 8.82 -11.65 3.80
N SER A 188 9.71 -12.34 3.09
CA SER A 188 10.48 -13.42 3.74
C SER A 188 11.34 -12.88 4.91
N VAL A 189 12.04 -11.77 4.66
CA VAL A 189 12.94 -11.19 5.67
C VAL A 189 12.14 -10.67 6.88
N PHE A 190 11.09 -9.90 6.64
CA PHE A 190 10.35 -9.35 7.77
C PHE A 190 9.59 -10.39 8.59
N THR A 191 9.13 -11.46 7.95
CA THR A 191 8.25 -12.39 8.68
C THR A 191 9.02 -13.62 9.13
N GLY A 192 10.26 -13.78 8.66
CA GLY A 192 11.04 -14.99 8.89
C GLY A 192 10.52 -16.26 8.22
N SER A 193 9.64 -16.15 7.24
CA SER A 193 9.29 -17.33 6.43
C SER A 193 10.30 -17.56 5.31
N ASP A 194 10.67 -18.81 5.10
CA ASP A 194 11.51 -19.18 3.96
C ASP A 194 10.86 -18.75 2.65
N ALA A 195 11.67 -18.35 1.67
CA ALA A 195 11.16 -17.93 0.37
C ALA A 195 10.11 -18.85 -0.25
N LYS A 196 10.23 -20.16 -0.05
CA LYS A 196 9.28 -21.12 -0.70
C LYS A 196 7.84 -20.90 -0.24
N GLU A 197 7.65 -20.43 1.00
CA GLU A 197 6.31 -20.21 1.55
C GLU A 197 5.69 -18.91 0.96
N VAL A 198 6.50 -18.02 0.37
CA VAL A 198 5.93 -16.71 0.05
C VAL A 198 6.18 -16.21 -1.37
N VAL A 199 6.77 -17.09 -2.21
CA VAL A 199 7.00 -16.78 -3.61
C VAL A 199 5.80 -17.27 -4.42
N GLY A 200 5.15 -16.34 -5.13
CA GLY A 200 3.94 -16.65 -5.91
C GLY A 200 4.21 -16.62 -7.41
N ILE A 201 3.14 -16.81 -8.20
CA ILE A 201 3.28 -16.81 -9.68
C ILE A 201 3.39 -15.37 -10.29
N GLY A 202 3.25 -14.35 -9.45
CA GLY A 202 3.11 -12.95 -9.97
C GLY A 202 2.24 -12.90 -11.22
N ALA A 203 2.78 -12.36 -12.32
CA ALA A 203 2.00 -12.18 -13.55
C ALA A 203 2.19 -13.44 -14.44
N ASN A 204 1.47 -14.48 -14.04
CA ASN A 204 1.39 -15.77 -14.76
C ASN A 204 2.72 -16.46 -15.01
N LEU A 205 3.61 -16.43 -14.03
CA LEU A 205 4.80 -17.28 -14.18
C LEU A 205 4.42 -18.76 -14.34
N PRO A 206 4.96 -19.44 -15.36
CA PRO A 206 4.67 -20.90 -15.47
C PRO A 206 5.06 -21.61 -14.21
N PRO A 207 4.21 -22.53 -13.74
CA PRO A 207 4.45 -23.34 -12.57
C PRO A 207 5.89 -23.86 -12.55
N SER A 208 6.40 -24.29 -13.70
CA SER A 208 7.78 -24.83 -13.79
C SER A 208 8.98 -23.87 -13.55
N ARG A 209 8.74 -22.58 -13.50
CA ARG A 209 9.80 -21.60 -13.25
C ARG A 209 9.78 -21.09 -11.80
N ILE A 210 8.89 -21.65 -10.96
CA ILE A 210 8.81 -21.22 -9.56
C ILE A 210 10.12 -21.55 -8.80
N ASP A 211 10.70 -22.73 -9.00
CA ASP A 211 11.93 -23.06 -8.31
C ASP A 211 13.04 -22.01 -8.52
N ASN A 212 13.25 -21.63 -9.77
CA ASN A 212 14.20 -20.61 -10.08
C ASN A 212 13.92 -19.34 -9.28
N LYS A 213 12.64 -18.93 -9.24
CA LYS A 213 12.28 -17.66 -8.56
C LYS A 213 12.52 -17.78 -7.04
N VAL A 214 12.17 -18.94 -6.45
CA VAL A 214 12.60 -19.24 -5.06
C VAL A 214 14.13 -19.16 -4.88
N ASP A 215 14.91 -19.80 -5.77
CA ASP A 215 16.36 -19.67 -5.65
C ASP A 215 16.83 -18.25 -5.71
N VAL A 216 16.29 -17.49 -6.65
CA VAL A 216 16.62 -16.06 -6.81
C VAL A 216 16.36 -15.28 -5.51
N VAL A 217 15.18 -15.44 -4.93
CA VAL A 217 14.90 -14.73 -3.64
C VAL A 217 15.93 -15.08 -2.50
N ARG A 218 16.14 -16.38 -2.33
CA ARG A 218 17.12 -16.84 -1.39
C ARG A 218 18.50 -16.23 -1.66
N ARG A 219 18.87 -16.12 -2.93
CA ARG A 219 20.22 -15.72 -3.25
C ARG A 219 20.30 -14.21 -2.90
N ALA A 220 19.21 -13.49 -3.20
CA ALA A 220 19.14 -12.08 -2.90
C ALA A 220 19.32 -11.82 -1.40
N ILE A 221 18.66 -12.62 -0.56
CA ILE A 221 18.73 -12.39 0.87
C ILE A 221 20.15 -12.82 1.36
N ALA A 222 20.61 -13.97 0.86
CA ALA A 222 21.96 -14.47 1.21
C ALA A 222 23.07 -13.42 0.96
N ILE A 223 23.09 -12.86 -0.26
CA ILE A 223 24.15 -11.97 -0.66
C ILE A 223 24.02 -10.62 0.02
N ASN A 224 22.79 -10.09 0.15
CA ASN A 224 22.58 -8.75 0.75
C ASN A 224 22.52 -8.71 2.28
N GLN A 225 22.20 -9.82 2.93
CA GLN A 225 22.08 -9.83 4.40
C GLN A 225 21.30 -8.62 4.94
N PRO A 226 20.08 -8.40 4.40
CA PRO A 226 19.28 -7.29 4.93
C PRO A 226 18.97 -7.55 6.42
N ASN A 227 19.02 -6.51 7.25
CA ASN A 227 18.63 -6.60 8.67
C ASN A 227 17.11 -6.41 8.80
N PRO A 228 16.43 -7.45 9.21
CA PRO A 228 14.96 -7.38 9.43
C PRO A 228 14.48 -6.34 10.46
N ARG A 229 15.34 -5.85 11.36
CA ARG A 229 14.97 -4.86 12.31
C ARG A 229 15.25 -3.44 11.82
N ASP A 230 15.60 -3.25 10.54
CA ASP A 230 15.89 -1.94 9.96
C ASP A 230 15.20 -1.94 8.59
N GLY A 231 13.94 -1.55 8.55
CA GLY A 231 13.16 -1.63 7.33
C GLY A 231 13.72 -0.87 6.12
N ILE A 232 14.44 0.24 6.39
CA ILE A 232 15.10 0.97 5.29
C ILE A 232 16.25 0.14 4.71
N ASP A 233 17.00 -0.54 5.58
CA ASP A 233 18.03 -1.52 5.14
C ASP A 233 17.41 -2.57 4.17
N VAL A 234 16.31 -3.17 4.60
CA VAL A 234 15.65 -4.22 3.83
C VAL A 234 15.21 -3.64 2.48
N LEU A 235 14.55 -2.49 2.50
CA LEU A 235 14.10 -1.84 1.27
C LEU A 235 15.25 -1.58 0.29
N SER A 236 16.32 -1.00 0.81
CA SER A 236 17.44 -0.63 -0.07
C SER A 236 18.18 -1.86 -0.66
N LYS A 237 18.27 -2.95 0.11
CA LYS A 237 18.99 -4.13 -0.32
C LYS A 237 18.20 -5.11 -1.21
N VAL A 238 17.00 -5.54 -0.76
CA VAL A 238 16.21 -6.50 -1.49
C VAL A 238 14.86 -5.99 -1.90
N GLY A 239 14.60 -4.68 -1.78
CA GLY A 239 13.32 -4.15 -2.33
C GLY A 239 13.51 -3.63 -3.77
N GLY A 240 12.77 -2.57 -4.12
CA GLY A 240 12.92 -1.87 -5.40
C GLY A 240 12.40 -0.43 -5.22
N PHE A 241 12.58 0.40 -6.23
CA PHE A 241 12.18 1.82 -6.10
C PHE A 241 10.66 1.99 -5.92
N ASP A 242 9.89 1.20 -6.66
CA ASP A 242 8.45 1.18 -6.53
C ASP A 242 8.02 0.79 -5.11
N LEU A 243 8.60 -0.31 -4.58
CA LEU A 243 8.29 -0.67 -3.20
C LEU A 243 8.63 0.45 -2.17
N VAL A 244 9.80 1.05 -2.33
CA VAL A 244 10.21 2.15 -1.44
C VAL A 244 9.18 3.27 -1.62
N GLY A 245 8.80 3.50 -2.85
CA GLY A 245 7.81 4.59 -3.19
C GLY A 245 6.48 4.33 -2.42
N MET A 246 5.99 3.08 -2.42
CA MET A 246 4.74 2.84 -1.65
C MET A 246 4.91 3.00 -0.13
N THR A 247 6.04 2.60 0.39
CA THR A 247 6.33 2.81 1.82
C THR A 247 6.29 4.30 2.14
N GLY A 248 6.88 5.08 1.25
CA GLY A 248 6.82 6.53 1.32
C GLY A 248 5.42 7.11 1.37
N VAL A 249 4.50 6.54 0.58
CA VAL A 249 3.12 7.06 0.61
C VAL A 249 2.53 6.78 2.01
N MET A 250 2.80 5.56 2.56
CA MET A 250 2.28 5.17 3.87
C MET A 250 2.84 6.09 4.93
N LEU A 251 4.14 6.38 4.84
CA LEU A 251 4.72 7.32 5.85
C LEU A 251 4.14 8.72 5.76
N GLY A 252 4.00 9.24 4.55
CA GLY A 252 3.33 10.54 4.34
C GLY A 252 1.86 10.55 4.81
N ALA A 253 1.04 9.58 4.43
CA ALA A 253 -0.38 9.57 4.93
C ALA A 253 -0.39 9.57 6.46
N ALA A 254 0.48 8.73 7.03
CA ALA A 254 0.53 8.61 8.49
C ALA A 254 0.98 9.93 9.13
N ARG A 255 2.05 10.54 8.60
CA ARG A 255 2.51 11.87 9.09
C ARG A 255 1.36 12.90 9.04
N CYS A 256 0.57 12.82 7.97
CA CYS A 256 -0.62 13.69 7.72
C CYS A 256 -1.86 13.34 8.59
N GLY A 257 -1.79 12.20 9.31
CA GLY A 257 -2.87 11.69 10.19
C GLY A 257 -4.03 11.19 9.32
N LEU A 258 -3.72 10.70 8.12
CA LEU A 258 -4.77 10.32 7.15
C LEU A 258 -4.74 8.83 6.75
N PRO A 259 -5.91 8.25 6.33
CA PRO A 259 -6.01 6.81 5.95
C PRO A 259 -5.33 6.51 4.61
N VAL A 260 -4.74 5.34 4.51
CA VAL A 260 -4.27 4.82 3.24
C VAL A 260 -4.74 3.37 3.02
N LEU A 261 -5.35 3.11 1.86
CA LEU A 261 -5.81 1.78 1.48
C LEU A 261 -4.64 1.05 0.77
N LEU A 262 -4.28 -0.13 1.30
CA LEU A 262 -3.40 -1.03 0.62
C LEU A 262 -4.09 -1.62 -0.62
N ASP A 263 -3.28 -2.24 -1.48
CA ASP A 263 -3.82 -2.98 -2.63
C ASP A 263 -3.55 -4.45 -2.37
N GLY A 264 -2.58 -5.02 -3.04
CA GLY A 264 -2.26 -6.45 -2.85
C GLY A 264 -0.88 -6.73 -2.32
N PHE A 265 -0.31 -7.85 -2.80
CA PHE A 265 0.95 -8.40 -2.25
C PHE A 265 2.11 -7.41 -2.25
N LEU A 266 2.27 -6.66 -3.36
CA LEU A 266 3.32 -5.65 -3.47
C LEU A 266 3.25 -4.65 -2.31
N SER A 267 2.04 -4.14 -2.14
CA SER A 267 1.73 -3.17 -1.11
C SER A 267 1.86 -3.78 0.27
N TYR A 268 1.55 -5.09 0.46
CA TYR A 268 1.78 -5.69 1.79
C TYR A 268 3.25 -5.64 2.15
N SER A 269 4.13 -5.90 1.16
CA SER A 269 5.56 -5.84 1.48
C SER A 269 6.01 -4.46 1.93
N ALA A 270 5.51 -3.43 1.24
CA ALA A 270 5.84 -2.04 1.59
C ALA A 270 5.23 -1.71 2.93
N ALA A 271 4.01 -2.17 3.20
CA ALA A 271 3.40 -1.94 4.54
C ALA A 271 4.20 -2.59 5.66
N LEU A 272 4.75 -3.76 5.38
CA LEU A 272 5.58 -4.44 6.42
C LEU A 272 6.83 -3.55 6.76
N ALA A 273 7.45 -3.04 5.69
CA ALA A 273 8.61 -2.16 5.87
C ALA A 273 8.13 -0.91 6.59
N ALA A 274 7.04 -0.31 6.11
CA ALA A 274 6.59 0.94 6.77
C ALA A 274 6.37 0.78 8.29
N CYS A 275 5.68 -0.29 8.71
CA CYS A 275 5.35 -0.52 10.13
C CYS A 275 6.57 -0.88 10.96
N GLN A 276 7.58 -1.46 10.29
CA GLN A 276 8.86 -1.73 10.96
C GLN A 276 9.62 -0.44 11.24
N ILE A 277 9.67 0.42 10.25
CA ILE A 277 10.33 1.70 10.33
C ILE A 277 9.64 2.56 11.38
N ALA A 278 8.31 2.57 11.38
CA ALA A 278 7.56 3.40 12.33
C ALA A 278 6.28 2.69 12.70
N PRO A 279 6.27 1.94 13.87
CA PRO A 279 4.99 1.32 14.25
C PRO A 279 3.75 2.22 14.24
N ALA A 280 3.96 3.54 14.44
CA ALA A 280 2.87 4.48 14.50
C ALA A 280 2.12 4.59 13.16
N VAL A 281 2.69 4.04 12.10
CA VAL A 281 2.00 3.99 10.81
C VAL A 281 0.78 3.09 10.80
N ARG A 282 0.81 2.01 11.62
CA ARG A 282 -0.17 0.93 11.48
C ARG A 282 -1.67 1.40 11.56
N PRO A 283 -2.00 2.28 12.55
CA PRO A 283 -3.43 2.64 12.64
C PRO A 283 -4.00 3.40 11.45
N TYR A 284 -3.15 3.84 10.54
CA TYR A 284 -3.59 4.60 9.35
C TYR A 284 -3.86 3.65 8.16
N LEU A 285 -3.38 2.38 8.29
CA LEU A 285 -3.46 1.50 7.15
C LEU A 285 -4.85 0.82 7.12
N ILE A 286 -5.43 0.69 5.92
CA ILE A 286 -6.65 0.00 5.80
C ILE A 286 -6.46 -1.02 4.66
N PRO A 287 -6.69 -2.33 4.92
CA PRO A 287 -6.61 -3.27 3.82
C PRO A 287 -7.75 -3.08 2.81
N SER A 288 -7.54 -3.50 1.58
CA SER A 288 -8.67 -3.58 0.66
C SER A 288 -9.09 -5.04 0.43
N HIS A 289 -8.32 -5.74 -0.38
CA HIS A 289 -8.55 -7.14 -0.76
C HIS A 289 -7.45 -8.13 -0.32
N PHE A 290 -7.77 -9.41 -0.43
CA PHE A 290 -6.86 -10.48 0.01
C PHE A 290 -6.29 -11.02 -1.35
N SER A 291 -5.06 -10.61 -1.65
CA SER A 291 -4.37 -10.93 -2.92
C SER A 291 -4.28 -12.46 -3.16
N ALA A 292 -4.41 -12.86 -4.42
CA ALA A 292 -4.19 -14.26 -4.86
C ALA A 292 -2.78 -14.76 -4.76
N GLU A 293 -1.82 -13.89 -4.51
CA GLU A 293 -0.44 -14.30 -4.55
C GLU A 293 -0.14 -15.26 -3.36
N LYS A 294 0.70 -16.26 -3.54
CA LYS A 294 0.95 -17.26 -2.52
C LYS A 294 1.30 -16.64 -1.16
N GLY A 295 2.18 -15.65 -1.11
CA GLY A 295 2.59 -15.15 0.17
C GLY A 295 1.60 -14.17 0.88
N ALA A 296 0.39 -13.97 0.31
CA ALA A 296 -0.54 -12.94 0.87
C ALA A 296 -0.91 -13.27 2.32
N ARG A 297 -1.30 -14.52 2.57
CA ARG A 297 -1.72 -14.87 3.93
C ARG A 297 -0.71 -14.52 4.99
N ILE A 298 0.54 -14.89 4.74
CA ILE A 298 1.64 -14.73 5.70
C ILE A 298 1.88 -13.23 5.96
N ALA A 299 1.99 -12.45 4.90
CA ALA A 299 2.18 -11.00 5.01
C ALA A 299 1.01 -10.39 5.81
N LEU A 300 -0.22 -10.73 5.46
CA LEU A 300 -1.34 -10.11 6.15
C LEU A 300 -1.38 -10.54 7.63
N ALA A 301 -0.96 -11.78 7.93
CA ALA A 301 -0.99 -12.26 9.30
C ALA A 301 0.04 -11.48 10.11
N HIS A 302 1.17 -11.15 9.49
CA HIS A 302 2.17 -10.39 10.23
CA HIS A 302 2.23 -10.34 10.18
C HIS A 302 1.76 -8.93 10.48
N LEU A 303 0.87 -8.41 9.65
CA LEU A 303 0.29 -7.10 9.88
C LEU A 303 -1.00 -7.12 10.74
N SER A 304 -1.38 -8.30 11.29
CA SER A 304 -2.75 -8.60 11.84
C SER A 304 -3.83 -7.93 11.04
N MET A 305 -3.85 -8.17 9.74
CA MET A 305 -4.79 -7.49 8.88
C MET A 305 -5.74 -8.48 8.21
N GLU A 306 -7.02 -8.13 8.12
CA GLU A 306 -8.04 -9.00 7.49
C GLU A 306 -8.74 -8.16 6.44
N PRO A 307 -8.41 -8.40 5.16
CA PRO A 307 -9.01 -7.57 4.11
C PRO A 307 -10.54 -7.71 4.02
N TYR A 308 -11.19 -6.67 3.51
CA TYR A 308 -12.64 -6.69 3.34
C TYR A 308 -13.08 -7.53 2.12
N LEU A 309 -12.24 -7.56 1.10
CA LEU A 309 -12.68 -8.03 -0.22
C LEU A 309 -11.94 -9.31 -0.60
N HIS A 310 -12.64 -10.29 -1.12
CA HIS A 310 -12.04 -11.50 -1.51
C HIS A 310 -12.28 -11.71 -2.98
N MET A 311 -11.40 -11.15 -3.79
CA MET A 311 -11.67 -11.01 -5.23
C MET A 311 -10.70 -11.85 -6.09
N ALA A 312 -9.88 -12.66 -5.44
CA ALA A 312 -8.73 -13.39 -6.08
C ALA A 312 -7.97 -12.49 -7.08
N MET A 313 -7.76 -11.24 -6.65
CA MET A 313 -7.10 -10.31 -7.56
C MET A 313 -5.58 -10.36 -7.38
N ARG A 314 -4.89 -10.04 -8.46
CA ARG A 314 -3.41 -10.05 -8.41
C ARG A 314 -2.88 -9.06 -9.40
N LEU A 315 -3.48 -7.89 -9.50
CA LEU A 315 -2.98 -6.97 -10.54
C LEU A 315 -2.01 -6.01 -9.87
N GLY A 316 -2.53 -5.36 -8.85
N GLY A 316 -2.37 -5.33 -8.79
CA GLY A 316 -1.90 -4.25 -8.27
CA GLY A 316 -1.33 -4.76 -7.84
C GLY A 316 -2.23 -3.05 -9.12
C GLY A 316 -0.91 -3.28 -7.88
N GLU A 317 -1.19 -2.28 -9.34
N GLU A 317 -1.39 -2.61 -8.93
CA GLU A 317 -1.25 -0.93 -9.78
CA GLU A 317 -1.02 -1.24 -9.28
C GLU A 317 -2.19 -0.09 -8.91
C GLU A 317 -2.04 -0.20 -8.83
N GLY A 318 -2.80 -0.61 -7.83
CA GLY A 318 -3.70 0.25 -7.10
C GLY A 318 -5.15 -0.02 -7.37
N SER A 319 -5.48 -0.82 -8.38
CA SER A 319 -6.89 -1.12 -8.70
C SER A 319 -7.66 -1.67 -7.43
N GLY A 320 -7.00 -2.52 -6.62
CA GLY A 320 -7.64 -3.07 -5.39
C GLY A 320 -7.94 -1.98 -4.35
N ALA A 321 -7.01 -1.03 -4.22
CA ALA A 321 -7.26 0.08 -3.31
C ALA A 321 -8.44 0.86 -3.78
N ALA A 322 -8.46 1.17 -5.06
CA ALA A 322 -9.57 2.00 -5.61
C ALA A 322 -10.90 1.21 -5.39
N LEU A 323 -10.82 -0.12 -5.48
CA LEU A 323 -12.04 -0.95 -5.40
C LEU A 323 -12.67 -0.85 -3.98
N ALA A 324 -11.81 -0.61 -3.01
CA ALA A 324 -12.26 -0.52 -1.62
C ALA A 324 -12.66 0.90 -1.17
N MET A 325 -12.39 1.93 -1.98
CA MET A 325 -12.80 3.24 -1.59
C MET A 325 -14.31 3.40 -1.28
N PRO A 326 -15.20 2.70 -2.02
CA PRO A 326 -16.59 2.86 -1.70
C PRO A 326 -16.95 2.27 -0.34
N ILE A 327 -16.18 1.30 0.14
CA ILE A 327 -16.43 0.77 1.47
C ILE A 327 -16.08 1.77 2.58
N VAL A 328 -14.94 2.45 2.43
CA VAL A 328 -14.66 3.55 3.35
C VAL A 328 -15.79 4.63 3.32
N GLU A 329 -16.20 5.02 2.13
CA GLU A 329 -17.29 6.00 2.04
C GLU A 329 -18.60 5.48 2.68
N ALA A 330 -18.88 4.17 2.53
CA ALA A 330 -20.07 3.57 3.16
C ALA A 330 -20.04 3.67 4.69
N ALA A 331 -18.86 3.49 5.31
CA ALA A 331 -18.69 3.63 6.77
C ALA A 331 -19.04 5.04 7.23
N CYS A 332 -18.65 6.02 6.42
CA CYS A 332 -18.91 7.44 6.74
C CYS A 332 -20.41 7.74 6.56
N ALA A 333 -21.02 7.19 5.50
CA ALA A 333 -22.45 7.42 5.23
C ALA A 333 -23.24 6.76 6.37
N MET A 334 -22.87 5.52 6.74
CA MET A 334 -23.53 4.93 7.91
C MET A 334 -23.52 5.91 9.09
N PHE A 335 -22.33 6.44 9.39
CA PHE A 335 -22.08 7.19 10.67
C PHE A 335 -22.88 8.53 10.71
N HIS A 336 -22.85 9.20 9.58
CA HIS A 336 -23.43 10.53 9.46
C HIS A 336 -24.88 10.55 9.10
N ASN A 337 -25.36 9.56 8.36
CA ASN A 337 -26.69 9.63 7.79
C ASN A 337 -27.76 8.74 8.45
N MET A 338 -27.35 7.72 9.18
CA MET A 338 -28.38 6.94 9.91
C MET A 338 -29.10 7.73 10.98
N GLY A 339 -30.39 7.45 11.19
CA GLY A 339 -31.07 7.94 12.42
C GLY A 339 -30.71 7.22 13.73
N GLU A 340 -31.37 7.62 14.79
CA GLU A 340 -31.05 7.11 16.11
C GLU A 340 -32.17 6.38 16.84
N LEU A 341 -31.81 5.35 17.60
CA LEU A 341 -32.78 4.60 18.41
C LEU A 341 -33.68 5.50 19.26
N ALA A 342 -33.07 6.44 20.00
CA ALA A 342 -33.81 7.29 20.96
C ALA A 342 -34.93 8.08 20.28
N ALA A 343 -34.66 8.56 19.07
CA ALA A 343 -35.61 9.40 18.35
C ALA A 343 -36.79 8.57 17.86
N SER A 344 -36.62 7.25 17.79
CA SER A 344 -37.75 6.40 17.46
C SER A 344 -38.30 5.72 18.73
N ASN A 345 -37.77 6.11 19.88
CA ASN A 345 -38.20 5.51 21.15
C ASN A 345 -37.94 4.02 21.18
N ILE A 346 -36.87 3.53 20.54
CA ILE A 346 -36.59 2.07 20.62
C ILE A 346 -35.65 1.85 21.78
N VAL A 347 -36.03 0.95 22.68
CA VAL A 347 -35.18 0.60 23.80
C VAL A 347 -34.89 -0.89 23.59
N LEU A 348 -33.61 -1.26 23.57
CA LEU A 348 -33.16 -2.67 23.51
C LEU A 348 -32.46 -3.03 24.81
N PRO A 349 -32.46 -4.31 25.20
CA PRO A 349 -31.73 -4.68 26.47
C PRO A 349 -30.25 -4.32 26.46
P PO4 B . 5.78 -10.19 -11.90
O1 PO4 B . 6.71 -10.02 -10.71
O2 PO4 B . 6.22 -9.26 -12.96
O3 PO4 B . 4.44 -9.66 -11.46
O4 PO4 B . 5.64 -11.60 -12.31
N3 DMD C . 1.25 -5.32 -13.99
N1 DMD C . -0.22 -3.90 -14.71
C2 DMD C . 0.48 -4.27 -13.65
C7A DMD C . 0.12 -4.70 -15.75
C3A DMD C . 1.12 -5.66 -15.28
C4 DMD C . 1.69 -6.62 -16.11
C5 DMD C . 1.24 -6.66 -17.44
C6 DMD C . 0.21 -5.70 -17.94
C7 DMD C . -0.31 -4.75 -17.06
C8 DMD C . 1.78 -7.72 -18.39
C9 DMD C . -0.31 -5.74 -19.35
C1 EDO D . -6.39 9.65 -14.98
O1 EDO D . -5.26 9.95 -14.15
C2 EDO D . -6.17 8.26 -15.60
O2 EDO D . -5.60 7.35 -14.64
#